data_2D80
#
_entry.id   2D80
#
_cell.length_a   49.507
_cell.length_b   68.876
_cell.length_c   38.733
_cell.angle_alpha   90.00
_cell.angle_beta   107.86
_cell.angle_gamma   90.00
#
_symmetry.space_group_name_H-M   'P 1 21 1'
#
loop_
_entity.id
_entity.type
_entity.pdbx_description
1 polymer 'PHB depolymerase'
2 branched alpha-D-mannopyranose-(1-3)-[alpha-D-mannopyranose-(1-6)]beta-D-mannopyranose-(1-4)-2-acetamido-2-deoxy-beta-D-glucopyranose-(1-4)-2-acetamido-2-deoxy-beta-D-glucopyranose
3 water water
#
_entity_poly.entity_id   1
_entity_poly.type   'polypeptide(L)'
_entity_poly.pdbx_seq_one_letter_code
;TALPAFNVNPNSVSVSGLSSGGYMAAQLGVAYSDVFNVGFGVFAGGPYDCARNQYYTSCMYNGYPSITTPTANMKSWSGN
QIASVANLGQRKIYMWTGSSDTTVGPNVMNQLKAQLGNFDNSANVSYVTTTGAVHTFPTDFNGAGDNSCSLSTSPYISNC
NYDGAGAALKWIYGSLNARNTGTLSGSVLSFAQSGSYGANGMDTTGYLYVPQSCASGATVCSLHVALHGCLQSYSSIGSR
FIQNTGYNKWADTNNMIILYPQAIPDYTIHAIWNGGVLSNPNGCWDWVGWYGSNADQIGGVQMAAIVGQVKQIVSGFQ
;
_entity_poly.pdbx_strand_id   A
#
loop_
_chem_comp.id
_chem_comp.type
_chem_comp.name
_chem_comp.formula
BMA D-saccharide, beta linking beta-D-mannopyranose 'C6 H12 O6'
MAN D-saccharide, alpha linking alpha-D-mannopyranose 'C6 H12 O6'
NAG D-saccharide, beta linking 2-acetamido-2-deoxy-beta-D-glucopyranose 'C8 H15 N O6'
#
# COMPACT_ATOMS: atom_id res chain seq x y z
N THR A 1 -19.74 12.56 -0.02
CA THR A 1 -20.10 12.09 -1.39
C THR A 1 -19.93 10.58 -1.49
N ALA A 2 -20.84 9.93 -2.20
CA ALA A 2 -20.76 8.49 -2.39
C ALA A 2 -19.59 8.13 -3.31
N LEU A 3 -18.92 7.03 -3.01
CA LEU A 3 -17.89 6.48 -3.89
C LEU A 3 -18.54 5.93 -5.17
N PRO A 4 -18.21 6.51 -6.34
CA PRO A 4 -18.77 6.08 -7.62
C PRO A 4 -18.34 4.69 -8.07
N ALA A 5 -19.10 4.12 -9.01
CA ALA A 5 -18.67 2.94 -9.74
C ALA A 5 -18.06 3.38 -11.06
N PHE A 6 -16.99 2.72 -11.48
CA PHE A 6 -16.31 3.11 -12.71
C PHE A 6 -16.15 1.92 -13.66
N ASN A 7 -15.85 2.22 -14.92
CA ASN A 7 -15.57 1.19 -15.90
C ASN A 7 -14.14 0.69 -15.74
N VAL A 8 -13.92 -0.13 -14.72
CA VAL A 8 -12.62 -0.70 -14.41
C VAL A 8 -12.71 -2.22 -14.46
N ASN A 9 -11.74 -2.84 -15.13
CA ASN A 9 -11.71 -4.30 -15.20
C ASN A 9 -11.29 -4.87 -13.86
N PRO A 10 -12.12 -5.74 -13.27
CA PRO A 10 -11.80 -6.34 -11.97
C PRO A 10 -10.52 -7.18 -11.99
N ASN A 11 -10.05 -7.55 -13.18
CA ASN A 11 -8.84 -8.37 -13.29
C ASN A 11 -7.57 -7.54 -13.34
N SER A 12 -7.69 -6.22 -13.11
CA SER A 12 -6.55 -5.33 -13.30
C SER A 12 -6.19 -4.57 -12.03
N VAL A 13 -6.46 -5.18 -10.88
CA VAL A 13 -6.30 -4.48 -9.61
C VAL A 13 -4.99 -4.80 -8.91
N SER A 14 -4.37 -3.77 -8.34
CA SER A 14 -3.16 -3.94 -7.56
C SER A 14 -3.11 -2.90 -6.44
N VAL A 15 -2.12 -3.02 -5.55
CA VAL A 15 -1.99 -2.12 -4.43
C VAL A 15 -0.51 -1.90 -4.05
N SER A 16 -0.20 -0.72 -3.53
CA SER A 16 1.13 -0.47 -2.97
C SER A 16 1.05 0.53 -1.83
N GLY A 17 2.14 0.66 -1.09
CA GLY A 17 2.18 1.66 -0.04
C GLY A 17 3.53 1.79 0.64
N LEU A 18 3.65 2.82 1.46
CA LEU A 18 4.86 3.09 2.22
C LEU A 18 4.63 2.72 3.68
N SER A 19 5.67 2.27 4.37
CA SER A 19 5.61 2.16 5.82
C SER A 19 4.51 1.17 6.22
N SER A 20 3.62 1.58 7.13
CA SER A 20 2.53 0.71 7.51
C SER A 20 1.60 0.46 6.33
N GLY A 21 1.64 1.37 5.36
CA GLY A 21 0.91 1.18 4.11
C GLY A 21 1.57 0.13 3.23
N GLY A 22 2.89 -0.01 3.36
CA GLY A 22 3.59 -1.11 2.70
C GLY A 22 3.21 -2.45 3.33
N TYR A 23 3.27 -2.51 4.66
CA TYR A 23 2.80 -3.70 5.37
C TYR A 23 1.40 -4.08 4.92
N MET A 24 0.50 -3.09 4.88
CA MET A 24 -0.88 -3.33 4.53
C MET A 24 -1.03 -3.76 3.07
N ALA A 25 -0.23 -3.19 2.18
CA ALA A 25 -0.24 -3.62 0.78
C ALA A 25 0.04 -5.12 0.67
N ALA A 26 0.99 -5.62 1.44
CA ALA A 26 1.30 -7.05 1.44
C ALA A 26 0.19 -7.87 2.11
N GLN A 27 -0.39 -7.32 3.18
CA GLN A 27 -1.50 -8.01 3.84
C GLN A 27 -2.67 -8.19 2.88
N LEU A 28 -3.00 -7.13 2.17
CA LEU A 28 -4.04 -7.20 1.13
C LEU A 28 -3.60 -8.13 0.01
N GLY A 29 -2.36 -7.96 -0.43
CA GLY A 29 -1.85 -8.77 -1.51
C GLY A 29 -1.85 -10.26 -1.20
N VAL A 30 -1.64 -10.60 0.07
CA VAL A 30 -1.65 -11.99 0.51
C VAL A 30 -3.05 -12.47 0.85
N ALA A 31 -3.69 -11.80 1.81
CA ALA A 31 -5.02 -12.21 2.25
C ALA A 31 -6.04 -12.17 1.12
N TYR A 32 -6.01 -11.08 0.34
CA TYR A 32 -6.91 -10.97 -0.80
C TYR A 32 -6.20 -11.01 -2.14
N SER A 33 -5.35 -12.03 -2.34
CA SER A 33 -4.60 -12.17 -3.57
C SER A 33 -5.52 -12.37 -4.78
N ASP A 34 -6.74 -12.82 -4.53
CA ASP A 34 -7.74 -12.96 -5.58
C ASP A 34 -8.27 -11.61 -6.06
N VAL A 35 -8.36 -10.65 -5.15
CA VAL A 35 -8.87 -9.32 -5.47
C VAL A 35 -7.77 -8.46 -6.08
N PHE A 36 -6.59 -8.50 -5.48
CA PHE A 36 -5.45 -7.78 -6.02
C PHE A 36 -4.66 -8.75 -6.89
N ASN A 37 -5.18 -9.00 -8.07
CA ASN A 37 -4.81 -10.16 -8.86
C ASN A 37 -3.69 -9.92 -9.87
N VAL A 38 -3.21 -8.69 -9.95
CA VAL A 38 -2.02 -8.40 -10.76
C VAL A 38 -0.77 -8.49 -9.89
N GLY A 39 -0.82 -7.83 -8.73
CA GLY A 39 0.28 -7.91 -7.79
C GLY A 39 0.25 -6.76 -6.81
N PHE A 40 1.35 -6.52 -6.11
CA PHE A 40 1.44 -5.42 -5.18
C PHE A 40 2.85 -4.87 -5.02
N GLY A 41 2.94 -3.72 -4.37
CA GLY A 41 4.23 -3.06 -4.17
C GLY A 41 4.42 -2.64 -2.73
N VAL A 42 5.62 -2.85 -2.22
CA VAL A 42 5.93 -2.52 -0.83
C VAL A 42 7.14 -1.59 -0.77
N PHE A 43 6.88 -0.33 -0.41
CA PHE A 43 7.97 0.61 -0.11
C PHE A 43 8.22 0.61 1.40
N ALA A 44 9.39 0.12 1.80
CA ALA A 44 9.81 0.21 3.20
C ALA A 44 8.74 -0.35 4.13
N GLY A 45 8.34 -1.59 3.87
CA GLY A 45 7.46 -2.31 4.74
C GLY A 45 8.14 -3.56 5.26
N GLY A 46 7.36 -4.61 5.53
CA GLY A 46 7.91 -5.78 6.18
C GLY A 46 7.11 -7.03 5.93
N PRO A 47 7.55 -8.17 6.49
CA PRO A 47 6.92 -9.48 6.38
C PRO A 47 5.43 -9.50 6.64
N TYR A 48 4.70 -10.26 5.83
CA TYR A 48 3.31 -10.58 6.14
C TYR A 48 3.25 -11.22 7.53
N ASP A 49 2.38 -10.69 8.39
CA ASP A 49 2.17 -11.23 9.72
C ASP A 49 3.39 -11.03 10.63
N CYS A 50 4.23 -10.04 10.32
CA CYS A 50 5.47 -9.83 11.07
C CYS A 50 5.22 -9.69 12.57
N ALA A 51 4.23 -8.87 12.94
CA ALA A 51 4.09 -8.45 14.32
C ALA A 51 3.15 -9.30 15.17
N ARG A 52 2.76 -10.46 14.67
CA ARG A 52 1.81 -11.31 15.40
C ARG A 52 2.45 -12.07 16.56
N ASN A 53 3.66 -12.57 16.37
CA ASN A 53 4.32 -13.36 17.41
C ASN A 53 5.68 -12.83 17.82
N GLN A 54 5.99 -11.61 17.40
CA GLN A 54 7.15 -10.88 17.93
C GLN A 54 6.77 -9.41 17.99
N TYR A 55 7.39 -8.66 18.89
CA TYR A 55 6.96 -7.30 19.14
C TYR A 55 7.26 -6.39 17.95
N TYR A 56 6.45 -5.35 17.78
CA TYR A 56 6.45 -4.58 16.53
C TYR A 56 7.78 -3.87 16.27
N THR A 57 8.51 -3.55 17.34
CA THR A 57 9.77 -2.84 17.19
C THR A 57 10.83 -3.76 16.59
N SER A 58 10.59 -5.07 16.63
CA SER A 58 11.48 -6.04 15.99
C SER A 58 11.22 -6.09 14.50
N CYS A 59 10.12 -5.48 14.07
CA CYS A 59 9.77 -5.39 12.66
C CYS A 59 10.06 -3.97 12.16
N MET A 60 10.91 -3.27 12.90
CA MET A 60 11.27 -1.88 12.60
C MET A 60 12.72 -1.59 12.96
N TYR A 61 13.11 -0.34 12.75
CA TYR A 61 14.39 0.18 13.21
C TYR A 61 15.55 -0.69 12.73
N ASN A 62 15.37 -1.24 11.52
CA ASN A 62 16.36 -2.07 10.85
C ASN A 62 16.80 -3.28 11.67
N GLY A 63 15.84 -3.84 12.41
CA GLY A 63 16.11 -5.06 13.15
C GLY A 63 15.92 -6.28 12.27
N TYR A 64 16.03 -7.47 12.85
CA TYR A 64 15.95 -8.70 12.09
C TYR A 64 14.76 -9.56 12.52
N PRO A 65 13.57 -9.24 12.04
CA PRO A 65 12.37 -10.01 12.41
C PRO A 65 12.41 -11.45 11.92
N SER A 66 11.90 -12.36 12.74
CA SER A 66 11.76 -13.77 12.35
C SER A 66 10.59 -13.94 11.40
N ILE A 67 10.74 -14.81 10.41
CA ILE A 67 9.64 -15.11 9.51
C ILE A 67 9.25 -16.58 9.57
N THR A 68 9.77 -17.28 10.57
CA THR A 68 9.46 -18.70 10.75
C THR A 68 7.95 -18.94 10.88
N THR A 69 7.35 -18.35 11.91
CA THR A 69 5.92 -18.51 12.14
C THR A 69 5.09 -17.79 11.09
N PRO A 70 5.48 -16.56 10.71
CA PRO A 70 4.71 -15.83 9.70
C PRO A 70 4.58 -16.64 8.41
N THR A 71 5.67 -17.28 8.00
CA THR A 71 5.64 -18.10 6.80
C THR A 71 4.80 -19.35 7.02
N ALA A 72 4.97 -19.99 8.17
CA ALA A 72 4.18 -21.15 8.52
C ALA A 72 2.68 -20.82 8.51
N ASN A 73 2.31 -19.66 9.03
CA ASN A 73 0.92 -19.25 9.03
C ASN A 73 0.36 -19.08 7.62
N MET A 74 1.16 -18.53 6.71
CA MET A 74 0.73 -18.39 5.33
C MET A 74 0.41 -19.77 4.76
N LYS A 75 1.31 -20.72 4.99
CA LYS A 75 1.12 -22.09 4.51
C LYS A 75 -0.15 -22.69 5.12
N SER A 76 -0.32 -22.49 6.43
CA SER A 76 -1.45 -23.04 7.15
C SER A 76 -2.78 -22.40 6.75
N TRP A 77 -2.79 -21.08 6.58
CA TRP A 77 -4.02 -20.35 6.32
C TRP A 77 -4.44 -20.37 4.85
N SER A 78 -3.57 -20.86 3.99
CA SER A 78 -3.84 -20.86 2.56
C SER A 78 -5.19 -21.50 2.25
N GLY A 79 -6.09 -20.73 1.65
CA GLY A 79 -7.36 -21.27 1.21
C GLY A 79 -8.45 -21.14 2.26
N ASN A 80 -8.10 -20.61 3.42
CA ASN A 80 -9.06 -20.42 4.50
C ASN A 80 -9.02 -18.95 4.95
N GLN A 81 -8.14 -18.64 5.90
CA GLN A 81 -8.03 -17.26 6.39
C GLN A 81 -7.41 -16.31 5.36
N ILE A 82 -6.76 -16.88 4.35
CA ILE A 82 -6.27 -16.10 3.22
C ILE A 82 -6.52 -16.85 1.92
N ALA A 83 -6.56 -16.12 0.81
CA ALA A 83 -6.71 -16.76 -0.49
C ALA A 83 -5.53 -17.72 -0.71
N SER A 84 -5.75 -18.73 -1.55
CA SER A 84 -4.73 -19.73 -1.82
C SER A 84 -3.39 -19.06 -2.11
N VAL A 85 -2.35 -19.47 -1.38
CA VAL A 85 -1.02 -18.90 -1.59
C VAL A 85 -0.46 -19.28 -2.95
N ALA A 86 -1.13 -20.20 -3.63
CA ALA A 86 -0.77 -20.54 -5.00
C ALA A 86 -0.88 -19.30 -5.89
N ASN A 87 -1.90 -18.48 -5.63
CA ASN A 87 -2.10 -17.23 -6.36
C ASN A 87 -0.84 -16.38 -6.42
N LEU A 88 -0.07 -16.39 -5.34
CA LEU A 88 1.09 -15.52 -5.20
C LEU A 88 2.17 -15.87 -6.22
N GLY A 89 2.16 -17.11 -6.68
CA GLY A 89 3.12 -17.54 -7.69
C GLY A 89 2.86 -16.85 -9.01
N GLN A 90 1.67 -16.28 -9.14
CA GLN A 90 1.24 -15.63 -10.37
C GLN A 90 1.03 -14.14 -10.16
N ARG A 91 1.87 -13.55 -9.31
CA ARG A 91 1.75 -12.12 -8.99
C ARG A 91 3.08 -11.41 -9.20
N LYS A 92 3.00 -10.20 -9.75
CA LYS A 92 4.16 -9.31 -9.81
C LYS A 92 4.25 -8.54 -8.51
N ILE A 93 5.41 -8.65 -7.85
CA ILE A 93 5.62 -8.01 -6.56
C ILE A 93 6.80 -7.05 -6.61
N TYR A 94 6.54 -5.77 -6.34
CA TYR A 94 7.58 -4.76 -6.32
C TYR A 94 7.97 -4.41 -4.88
N MET A 95 9.27 -4.26 -4.65
CA MET A 95 9.80 -3.90 -3.33
C MET A 95 10.86 -2.82 -3.44
N TRP A 96 10.86 -1.90 -2.47
CA TRP A 96 11.84 -0.83 -2.45
C TRP A 96 12.23 -0.45 -1.03
N THR A 97 13.52 -0.12 -0.85
CA THR A 97 13.97 0.51 0.39
C THR A 97 15.08 1.50 0.07
N GLY A 98 15.22 2.53 0.92
CA GLY A 98 16.44 3.31 0.92
C GLY A 98 17.50 2.57 1.74
N SER A 99 18.77 2.67 1.33
CA SER A 99 19.80 1.94 2.07
C SER A 99 20.03 2.54 3.46
N SER A 100 19.58 3.77 3.67
CA SER A 100 19.83 4.50 4.92
C SER A 100 18.56 4.60 5.77
N ASP A 101 17.57 3.79 5.43
CA ASP A 101 16.32 3.75 6.19
C ASP A 101 16.57 3.07 7.53
N THR A 102 16.35 3.81 8.62
CA THR A 102 16.52 3.25 9.96
C THR A 102 15.20 3.27 10.73
N THR A 103 14.11 3.45 10.01
CA THR A 103 12.77 3.44 10.59
C THR A 103 12.13 2.08 10.41
N VAL A 104 12.17 1.56 9.18
CA VAL A 104 11.82 0.16 8.95
C VAL A 104 13.11 -0.58 8.61
N GLY A 105 13.59 -0.43 7.37
CA GLY A 105 14.98 -0.74 7.09
C GLY A 105 15.25 -1.90 6.16
N PRO A 106 16.44 -1.92 5.54
CA PRO A 106 16.81 -2.99 4.61
C PRO A 106 16.70 -4.38 5.24
N ASN A 107 17.13 -4.51 6.49
CA ASN A 107 17.10 -5.80 7.17
C ASN A 107 15.67 -6.34 7.31
N VAL A 108 14.72 -5.44 7.55
CA VAL A 108 13.32 -5.82 7.62
C VAL A 108 12.80 -6.22 6.23
N MET A 109 13.02 -5.35 5.25
CA MET A 109 12.65 -5.67 3.88
C MET A 109 13.33 -6.94 3.36
N ASN A 110 14.58 -7.16 3.73
CA ASN A 110 15.25 -8.41 3.37
C ASN A 110 14.48 -9.63 3.86
N GLN A 111 13.86 -9.51 5.03
CA GLN A 111 13.07 -10.62 5.58
C GLN A 111 11.77 -10.82 4.81
N LEU A 112 11.16 -9.73 4.34
CA LEU A 112 9.98 -9.84 3.49
C LEU A 112 10.35 -10.53 2.17
N LYS A 113 11.51 -10.15 1.62
CA LYS A 113 12.00 -10.77 0.39
C LYS A 113 12.12 -12.28 0.57
N ALA A 114 12.77 -12.69 1.67
CA ALA A 114 12.95 -14.10 1.96
C ALA A 114 11.60 -14.81 2.09
N GLN A 115 10.69 -14.19 2.82
CA GLN A 115 9.38 -14.78 3.04
C GLN A 115 8.69 -15.04 1.71
N LEU A 116 8.56 -13.99 0.90
CA LEU A 116 7.91 -14.11 -0.40
C LEU A 116 8.65 -15.10 -1.29
N GLY A 117 9.93 -15.32 -0.99
CA GLY A 117 10.73 -16.26 -1.75
C GLY A 117 10.21 -17.68 -1.64
N ASN A 118 9.35 -17.91 -0.65
CA ASN A 118 8.76 -19.23 -0.47
C ASN A 118 7.49 -19.41 -1.28
N PHE A 119 6.99 -18.33 -1.90
CA PHE A 119 5.68 -18.37 -2.56
C PHE A 119 5.66 -17.80 -3.97
N ASP A 120 6.68 -17.05 -4.34
CA ASP A 120 6.71 -16.45 -5.66
C ASP A 120 8.12 -16.53 -6.24
N ASN A 121 8.21 -16.95 -7.49
CA ASN A 121 9.50 -17.09 -8.15
C ASN A 121 10.20 -15.73 -8.22
N SER A 122 11.49 -15.73 -7.90
CA SER A 122 12.31 -14.53 -7.92
C SER A 122 12.12 -13.68 -9.17
N ALA A 123 11.81 -14.33 -10.28
CA ALA A 123 11.63 -13.63 -11.55
C ALA A 123 10.54 -12.56 -11.46
N ASN A 124 9.57 -12.76 -10.58
CA ASN A 124 8.42 -11.86 -10.49
C ASN A 124 8.53 -10.88 -9.34
N VAL A 125 9.62 -10.95 -8.59
CA VAL A 125 9.83 -10.05 -7.46
C VAL A 125 11.01 -9.12 -7.73
N SER A 126 10.72 -7.83 -7.81
CA SER A 126 11.76 -6.83 -7.98
C SER A 126 11.99 -6.13 -6.65
N TYR A 127 13.25 -6.10 -6.20
CA TYR A 127 13.60 -5.50 -4.92
C TYR A 127 14.68 -4.45 -5.17
N VAL A 128 14.27 -3.19 -5.21
CA VAL A 128 15.17 -2.08 -5.53
C VAL A 128 15.68 -1.36 -4.28
N THR A 129 16.97 -1.01 -4.28
CA THR A 129 17.56 -0.25 -3.19
C THR A 129 18.10 1.08 -3.72
N THR A 130 17.62 2.19 -3.18
CA THR A 130 18.20 3.49 -3.50
C THR A 130 19.23 3.86 -2.44
N THR A 131 20.48 3.96 -2.86
CA THR A 131 21.55 4.19 -1.90
C THR A 131 21.44 5.59 -1.30
N GLY A 132 21.54 5.66 0.03
CA GLY A 132 21.49 6.95 0.70
C GLY A 132 20.10 7.43 1.10
N ALA A 133 19.07 6.82 0.53
CA ALA A 133 17.70 7.25 0.81
C ALA A 133 17.29 6.82 2.21
N VAL A 134 16.60 7.70 2.93
CA VAL A 134 16.09 7.39 4.27
C VAL A 134 14.65 6.89 4.15
N HIS A 135 13.99 6.70 5.29
CA HIS A 135 12.58 6.33 5.27
C HIS A 135 11.75 7.49 4.73
N THR A 136 11.31 7.35 3.48
CA THR A 136 10.58 8.40 2.79
C THR A 136 10.09 7.81 1.48
N PHE A 137 9.06 8.40 0.88
CA PHE A 137 8.58 7.91 -0.41
C PHE A 137 9.48 8.47 -1.50
N PRO A 138 10.06 7.60 -2.34
CA PRO A 138 10.93 8.10 -3.39
C PRO A 138 10.23 8.62 -4.65
N THR A 139 10.49 9.88 -4.97
CA THR A 139 10.06 10.46 -6.24
C THR A 139 11.26 11.08 -6.94
N ASP A 140 11.04 11.57 -8.16
CA ASP A 140 12.11 12.23 -8.90
C ASP A 140 11.76 13.69 -9.20
N PHE A 141 11.00 14.32 -8.31
CA PHE A 141 10.69 15.73 -8.48
C PHE A 141 10.52 16.42 -7.14
N ASN A 142 10.50 17.74 -7.14
CA ASN A 142 10.45 18.49 -5.89
C ASN A 142 9.03 18.88 -5.51
N GLY A 143 8.28 17.89 -5.02
CA GLY A 143 6.92 18.16 -4.57
C GLY A 143 6.93 19.22 -3.49
N ALA A 144 5.90 20.07 -3.49
CA ALA A 144 5.79 21.12 -2.48
C ALA A 144 5.81 20.52 -1.08
N GLY A 145 6.71 21.02 -0.25
CA GLY A 145 6.77 20.58 1.14
C GLY A 145 7.59 19.33 1.37
N ASP A 146 8.08 18.71 0.30
CA ASP A 146 8.92 17.52 0.41
C ASP A 146 10.07 17.72 1.39
N ASN A 147 10.36 16.69 2.17
CA ASN A 147 11.57 16.66 2.98
C ASN A 147 12.72 16.13 2.13
N SER A 148 13.95 16.42 2.54
CA SER A 148 15.13 15.89 1.87
C SER A 148 15.12 14.36 1.88
N CYS A 149 15.62 13.73 0.82
CA CYS A 149 15.72 12.29 0.78
C CYS A 149 16.75 11.80 1.80
N SER A 150 17.53 12.72 2.36
CA SER A 150 18.54 12.34 3.34
C SER A 150 18.09 12.57 4.79
N LEU A 151 16.88 13.11 4.97
CA LEU A 151 16.37 13.40 6.31
C LEU A 151 14.93 12.91 6.46
N SER A 152 14.73 11.91 7.32
CA SER A 152 13.40 11.32 7.47
C SER A 152 12.54 12.16 8.42
N THR A 153 11.66 12.96 7.83
CA THR A 153 10.80 13.85 8.60
C THR A 153 9.55 14.11 7.75
N SER A 154 8.49 14.60 8.39
CA SER A 154 7.24 14.87 7.69
C SER A 154 7.52 15.75 6.47
N PRO A 155 6.82 15.52 5.34
CA PRO A 155 5.78 14.53 5.06
C PRO A 155 6.25 13.15 4.62
N TYR A 156 7.55 12.88 4.75
CA TYR A 156 8.12 11.60 4.32
C TYR A 156 7.85 11.34 2.83
N ILE A 157 8.01 12.39 2.04
CA ILE A 157 7.98 12.30 0.58
C ILE A 157 9.14 13.16 0.06
N SER A 158 9.96 12.57 -0.81
CA SER A 158 11.21 13.23 -1.18
C SER A 158 11.48 13.17 -2.68
N ASN A 159 12.34 14.07 -3.14
CA ASN A 159 13.02 13.87 -4.42
C ASN A 159 14.28 13.05 -4.15
N CYS A 160 14.22 11.75 -4.44
CA CYS A 160 15.36 10.87 -4.28
C CYS A 160 15.98 10.57 -5.64
N ASN A 161 15.64 11.40 -6.63
CA ASN A 161 15.98 11.15 -8.02
C ASN A 161 15.66 9.72 -8.44
N TYR A 162 14.50 9.23 -8.02
CA TYR A 162 14.06 7.89 -8.40
C TYR A 162 12.55 7.87 -8.43
N ASP A 163 11.98 7.51 -9.58
CA ASP A 163 10.54 7.53 -9.77
C ASP A 163 9.96 6.24 -9.23
N GLY A 164 9.77 6.19 -7.91
CA GLY A 164 9.31 4.98 -7.25
C GLY A 164 7.93 4.55 -7.70
N ALA A 165 7.01 5.52 -7.85
CA ALA A 165 5.66 5.19 -8.31
C ALA A 165 5.70 4.56 -9.70
N GLY A 166 6.42 5.18 -10.62
CA GLY A 166 6.55 4.62 -11.96
C GLY A 166 7.16 3.23 -11.99
N ALA A 167 8.21 3.00 -11.19
CA ALA A 167 8.87 1.71 -11.14
C ALA A 167 7.87 0.64 -10.72
N ALA A 168 7.14 0.91 -9.66
CA ALA A 168 6.19 -0.05 -9.10
C ALA A 168 5.09 -0.38 -10.11
N LEU A 169 4.51 0.64 -10.73
CA LEU A 169 3.45 0.43 -11.72
C LEU A 169 3.96 -0.36 -12.92
N LYS A 170 5.17 -0.05 -13.38
CA LYS A 170 5.73 -0.78 -14.51
C LYS A 170 6.06 -2.23 -14.17
N TRP A 171 6.53 -2.50 -12.96
CA TRP A 171 6.81 -3.87 -12.58
C TRP A 171 5.53 -4.67 -12.48
N ILE A 172 4.51 -4.06 -11.89
CA ILE A 172 3.22 -4.73 -11.72
C ILE A 172 2.49 -4.95 -13.03
N TYR A 173 2.43 -3.91 -13.88
CA TYR A 173 1.61 -3.96 -15.08
C TYR A 173 2.35 -4.20 -16.38
N GLY A 174 3.66 -4.00 -16.39
CA GLY A 174 4.42 -4.14 -17.62
C GLY A 174 4.54 -2.81 -18.35
N SER A 175 4.61 -2.86 -19.67
CA SER A 175 4.81 -1.66 -20.47
C SER A 175 3.72 -0.62 -20.24
N LEU A 176 4.15 0.62 -20.01
CA LEU A 176 3.22 1.73 -19.82
C LEU A 176 3.55 2.87 -20.78
N ASN A 177 2.52 3.58 -21.21
CA ASN A 177 2.70 4.84 -21.95
C ASN A 177 3.47 5.81 -21.07
N ALA A 178 4.28 6.66 -21.69
CA ALA A 178 5.07 7.63 -20.95
C ALA A 178 4.17 8.45 -20.03
N ARG A 179 4.68 8.80 -18.86
CA ARG A 179 3.89 9.56 -17.89
C ARG A 179 3.59 10.95 -18.45
N ASN A 180 2.49 11.53 -17.97
CA ASN A 180 2.08 12.87 -18.39
C ASN A 180 3.14 13.90 -18.00
N THR A 181 3.58 14.68 -18.98
CA THR A 181 4.59 15.71 -18.70
C THR A 181 3.97 17.08 -18.52
N GLY A 182 2.64 17.14 -18.53
CA GLY A 182 1.96 18.42 -18.38
C GLY A 182 0.93 18.34 -17.26
N THR A 183 -0.03 19.28 -17.26
CA THR A 183 -1.06 19.30 -16.24
C THR A 183 -1.94 18.05 -16.36
N LEU A 184 -2.38 17.52 -15.22
CA LEU A 184 -3.18 16.32 -15.20
C LEU A 184 -4.57 16.57 -15.80
N SER A 185 -5.17 15.53 -16.37
CA SER A 185 -6.43 15.68 -17.08
C SER A 185 -7.62 15.50 -16.16
N GLY A 186 -7.37 14.98 -14.96
CA GLY A 186 -8.47 14.49 -14.14
C GLY A 186 -8.74 15.30 -12.88
N SER A 187 -9.43 14.69 -11.93
CA SER A 187 -9.72 15.34 -10.66
C SER A 187 -9.42 14.39 -9.52
N VAL A 188 -9.29 14.93 -8.32
CA VAL A 188 -9.14 14.11 -7.14
C VAL A 188 -10.48 14.08 -6.40
N LEU A 189 -11.22 12.99 -6.58
CA LEU A 189 -12.53 12.84 -5.94
C LEU A 189 -12.37 12.55 -4.46
N SER A 190 -13.29 13.07 -3.64
CA SER A 190 -13.41 12.60 -2.26
C SER A 190 -14.67 11.75 -2.14
N PHE A 191 -14.67 10.85 -1.18
CA PHE A 191 -15.82 9.99 -0.94
C PHE A 191 -15.88 9.63 0.54
N ALA A 192 -17.05 9.22 1.01
CA ALA A 192 -17.22 8.89 2.41
C ALA A 192 -16.71 7.49 2.72
N GLN A 193 -15.68 7.41 3.55
CA GLN A 193 -15.28 6.13 4.12
C GLN A 193 -16.18 5.82 5.29
N SER A 194 -17.41 5.42 4.95
CA SER A 194 -18.46 5.18 5.93
C SER A 194 -19.11 3.85 5.59
N GLY A 195 -19.80 3.26 6.57
CA GLY A 195 -20.41 1.97 6.34
C GLY A 195 -19.38 0.94 5.88
N SER A 196 -19.66 0.26 4.77
CA SER A 196 -18.80 -0.82 4.32
C SER A 196 -17.47 -0.30 3.78
N TYR A 197 -17.38 1.00 3.54
CA TYR A 197 -16.18 1.62 2.97
C TYR A 197 -15.27 2.13 4.08
N GLY A 198 -15.73 2.01 5.32
CA GLY A 198 -14.97 2.54 6.43
C GLY A 198 -14.71 1.50 7.50
N ALA A 199 -13.98 1.89 8.54
CA ALA A 199 -13.62 0.99 9.62
C ALA A 199 -12.91 1.73 10.74
N ASN A 200 -12.80 1.06 11.89
CA ASN A 200 -11.96 1.53 12.96
C ASN A 200 -10.55 1.88 12.44
N GLY A 201 -10.00 2.98 12.91
CA GLY A 201 -8.68 3.40 12.49
C GLY A 201 -8.64 4.15 11.16
N MET A 202 -9.80 4.32 10.53
CA MET A 202 -9.86 5.00 9.24
C MET A 202 -10.60 6.34 9.29
N ASP A 203 -10.14 7.30 8.49
CA ASP A 203 -10.76 8.61 8.43
C ASP A 203 -12.16 8.43 7.85
N THR A 204 -12.98 9.48 7.91
CA THR A 204 -14.31 9.37 7.34
C THR A 204 -14.36 9.81 5.88
N THR A 205 -13.22 10.23 5.34
CA THR A 205 -13.15 10.62 3.94
C THR A 205 -11.95 9.95 3.29
N GLY A 206 -12.16 9.39 2.11
CA GLY A 206 -11.04 8.92 1.29
C GLY A 206 -10.98 9.69 -0.01
N TYR A 207 -9.95 9.46 -0.81
CA TYR A 207 -9.82 10.15 -2.08
C TYR A 207 -9.42 9.18 -3.18
N LEU A 208 -9.62 9.59 -4.42
CA LEU A 208 -9.08 8.85 -5.56
C LEU A 208 -8.81 9.80 -6.72
N TYR A 209 -7.69 9.61 -7.41
CA TYR A 209 -7.42 10.35 -8.63
C TYR A 209 -8.00 9.61 -9.83
N VAL A 210 -8.77 10.33 -10.63
CA VAL A 210 -9.49 9.73 -11.76
C VAL A 210 -9.18 10.50 -13.04
N PRO A 211 -8.41 9.88 -13.96
CA PRO A 211 -8.08 10.55 -15.22
C PRO A 211 -9.35 10.81 -16.02
N GLN A 212 -9.30 11.82 -16.89
CA GLN A 212 -10.45 12.12 -17.72
C GLN A 212 -10.92 10.89 -18.50
N SER A 213 -9.97 10.06 -18.93
CA SER A 213 -10.33 8.88 -19.72
C SER A 213 -11.14 7.87 -18.91
N CYS A 214 -10.95 7.85 -17.60
CA CYS A 214 -11.63 6.89 -16.73
C CYS A 214 -12.96 7.46 -16.22
N ALA A 215 -13.08 8.78 -16.25
CA ALA A 215 -14.27 9.43 -15.73
C ALA A 215 -15.46 9.23 -16.67
N SER A 216 -15.18 9.21 -17.97
CA SER A 216 -16.22 9.22 -18.99
C SER A 216 -17.00 7.91 -19.05
N GLY A 217 -16.38 6.83 -18.60
CA GLY A 217 -17.02 5.53 -18.67
C GLY A 217 -16.87 4.87 -20.04
N ALA A 218 -16.32 5.61 -20.99
CA ALA A 218 -16.19 5.11 -22.36
C ALA A 218 -14.92 4.28 -22.53
N THR A 219 -14.07 4.27 -21.51
CA THR A 219 -12.80 3.57 -21.58
C THR A 219 -12.59 2.64 -20.38
N VAL A 220 -12.20 1.40 -20.65
CA VAL A 220 -11.92 0.46 -19.57
C VAL A 220 -10.59 0.77 -18.89
N CYS A 221 -10.65 1.04 -17.60
CA CYS A 221 -9.48 1.43 -16.84
C CYS A 221 -9.04 0.32 -15.90
N SER A 222 -7.86 0.52 -15.31
CA SER A 222 -7.34 -0.38 -14.29
C SER A 222 -7.38 0.37 -12.96
N LEU A 223 -7.09 -0.33 -11.87
CA LEU A 223 -7.13 0.29 -10.55
C LEU A 223 -5.90 -0.03 -9.74
N HIS A 224 -5.24 1.02 -9.25
CA HIS A 224 -4.14 0.84 -8.29
C HIS A 224 -4.51 1.55 -7.00
N VAL A 225 -4.41 0.83 -5.89
CA VAL A 225 -4.63 1.42 -4.56
C VAL A 225 -3.30 1.81 -3.94
N ALA A 226 -3.17 3.07 -3.59
CA ALA A 226 -1.93 3.57 -2.99
C ALA A 226 -2.15 3.96 -1.53
N LEU A 227 -1.43 3.29 -0.63
CA LEU A 227 -1.63 3.45 0.80
C LEU A 227 -0.53 4.29 1.44
N HIS A 228 -0.91 5.43 2.00
CA HIS A 228 0.03 6.27 2.73
C HIS A 228 0.63 5.51 3.91
N GLY A 229 1.73 6.02 4.43
CA GLY A 229 2.37 5.38 5.57
C GLY A 229 1.97 6.02 6.88
N CYS A 230 2.64 5.63 7.96
CA CYS A 230 2.41 6.27 9.25
C CYS A 230 2.76 7.75 9.12
N LEU A 231 2.05 8.58 9.88
CA LEU A 231 2.24 10.02 9.85
C LEU A 231 2.01 10.62 8.47
N GLN A 232 1.34 9.88 7.58
CA GLN A 232 1.04 10.37 6.24
C GLN A 232 -0.45 10.42 5.89
N SER A 233 -1.32 10.19 6.87
CA SER A 233 -2.75 10.29 6.61
C SER A 233 -3.08 11.75 6.28
N TYR A 234 -4.27 11.97 5.73
CA TYR A 234 -4.72 13.32 5.41
C TYR A 234 -4.67 14.20 6.67
N SER A 235 -5.03 13.62 7.80
CA SER A 235 -5.02 14.35 9.06
C SER A 235 -3.65 14.96 9.37
N SER A 236 -2.58 14.26 8.99
CA SER A 236 -1.22 14.68 9.31
C SER A 236 -0.61 15.62 8.27
N ILE A 237 -0.80 15.30 7.00
CA ILE A 237 -0.12 16.03 5.92
C ILE A 237 -1.03 16.48 4.80
N GLY A 238 -2.34 16.48 5.05
CA GLY A 238 -3.26 16.93 4.02
C GLY A 238 -3.14 16.11 2.75
N SER A 239 -3.10 16.79 1.62
CA SER A 239 -3.17 16.12 0.32
C SER A 239 -1.78 15.79 -0.24
N ARG A 240 -0.75 15.93 0.59
CA ARG A 240 0.62 15.82 0.08
C ARG A 240 0.98 14.44 -0.47
N PHE A 241 0.45 13.38 0.11
CA PHE A 241 0.72 12.04 -0.42
C PHE A 241 0.00 11.85 -1.74
N ILE A 242 -1.27 12.26 -1.77
CA ILE A 242 -2.07 12.21 -2.98
C ILE A 242 -1.38 12.95 -4.13
N GLN A 243 -0.83 14.11 -3.83
CA GLN A 243 -0.31 15.00 -4.87
C GLN A 243 1.16 14.79 -5.21
N ASN A 244 1.97 14.39 -4.23
CA ASN A 244 3.41 14.50 -4.36
C ASN A 244 4.16 13.19 -4.56
N THR A 245 3.44 12.07 -4.66
CA THR A 245 4.09 10.77 -4.71
C THR A 245 4.33 10.29 -6.13
N GLY A 246 3.66 10.90 -7.10
CA GLY A 246 3.96 10.64 -8.49
C GLY A 246 3.16 9.55 -9.19
N TYR A 247 2.20 8.95 -8.50
CA TYR A 247 1.34 7.95 -9.14
C TYR A 247 0.49 8.58 -10.24
N ASN A 248 -0.03 9.78 -10.00
CA ASN A 248 -1.06 10.34 -10.85
C ASN A 248 -0.61 10.60 -12.29
N LYS A 249 0.63 11.05 -12.47
CA LYS A 249 1.10 11.37 -13.82
C LYS A 249 1.23 10.11 -14.67
N TRP A 250 1.48 8.96 -14.03
CA TRP A 250 1.45 7.68 -14.74
C TRP A 250 0.03 7.20 -14.99
N ALA A 251 -0.82 7.31 -13.97
CA ALA A 251 -2.22 6.92 -14.14
C ALA A 251 -2.84 7.67 -15.31
N ASP A 252 -2.48 8.94 -15.44
CA ASP A 252 -3.16 9.85 -16.35
C ASP A 252 -3.01 9.50 -17.83
N THR A 253 -1.90 8.85 -18.18
CA THR A 253 -1.67 8.47 -19.57
C THR A 253 -1.87 6.98 -19.78
N ASN A 254 -2.34 6.28 -18.75
CA ASN A 254 -2.43 4.83 -18.81
C ASN A 254 -3.77 4.26 -18.35
N ASN A 255 -4.83 5.07 -18.47
CA ASN A 255 -6.18 4.62 -18.16
C ASN A 255 -6.24 3.91 -16.81
N MET A 256 -5.74 4.59 -15.79
CA MET A 256 -5.62 4.00 -14.46
C MET A 256 -6.24 4.95 -13.43
N ILE A 257 -7.10 4.42 -12.56
CA ILE A 257 -7.53 5.16 -11.37
C ILE A 257 -6.58 4.83 -10.22
N ILE A 258 -6.23 5.84 -9.43
CA ILE A 258 -5.46 5.61 -8.21
C ILE A 258 -6.34 5.90 -6.99
N LEU A 259 -6.65 4.87 -6.22
CA LEU A 259 -7.45 5.02 -5.00
C LEU A 259 -6.55 5.29 -3.80
N TYR A 260 -6.89 6.32 -3.02
CA TYR A 260 -6.11 6.70 -1.86
C TYR A 260 -6.91 6.62 -0.55
N PRO A 261 -7.04 5.41 0.03
CA PRO A 261 -7.77 5.26 1.28
C PRO A 261 -7.03 6.04 2.37
N GLN A 262 -7.75 6.49 3.40
CA GLN A 262 -7.13 7.29 4.47
C GLN A 262 -7.35 6.69 5.85
N ALA A 263 -6.25 6.50 6.57
CA ALA A 263 -6.31 6.15 7.99
C ALA A 263 -6.44 7.44 8.79
N ILE A 264 -6.41 7.32 10.11
CA ILE A 264 -6.50 8.49 10.97
C ILE A 264 -5.83 8.25 12.30
N PRO A 265 -5.22 9.29 12.90
CA PRO A 265 -4.56 9.13 14.19
C PRO A 265 -5.60 8.65 15.20
N ASP A 266 -5.19 7.73 16.07
CA ASP A 266 -6.11 7.07 17.00
C ASP A 266 -5.40 6.91 18.34
N TYR A 267 -5.77 7.76 19.29
CA TYR A 267 -5.05 7.82 20.57
C TYR A 267 -5.63 6.88 21.61
N THR A 268 -6.62 6.09 21.21
CA THR A 268 -7.16 5.06 22.08
C THR A 268 -6.21 3.87 22.14
N ILE A 269 -5.95 3.37 23.34
CA ILE A 269 -5.12 2.19 23.51
C ILE A 269 -5.92 0.91 23.24
N HIS A 270 -5.33 0.02 22.44
CA HIS A 270 -6.00 -1.23 22.07
C HIS A 270 -5.09 -2.41 22.37
N ALA A 271 -5.69 -3.57 22.58
CA ALA A 271 -4.93 -4.81 22.69
C ALA A 271 -4.39 -5.13 21.29
N ILE A 272 -3.13 -5.50 21.21
CA ILE A 272 -2.55 -5.91 19.92
C ILE A 272 -2.07 -7.36 19.98
N TRP A 273 -1.67 -7.89 18.82
CA TRP A 273 -1.28 -9.30 18.74
C TRP A 273 -0.24 -9.67 19.78
N ASN A 274 0.75 -8.81 19.96
CA ASN A 274 1.93 -9.14 20.76
C ASN A 274 2.42 -7.96 21.57
N GLY A 275 2.78 -8.23 22.83
CA GLY A 275 3.38 -7.21 23.65
C GLY A 275 2.40 -6.37 24.44
N GLY A 276 1.14 -6.78 24.48
CA GLY A 276 0.17 -6.12 25.35
C GLY A 276 -0.78 -5.18 24.63
N VAL A 277 -0.65 -3.89 24.92
CA VAL A 277 -1.56 -2.89 24.38
C VAL A 277 -0.81 -1.71 23.78
N LEU A 278 -1.46 -1.02 22.86
CA LEU A 278 -0.82 0.06 22.12
C LEU A 278 -1.89 0.94 21.48
N SER A 279 -1.70 2.25 21.52
CA SER A 279 -2.51 3.16 20.72
C SER A 279 -1.88 3.33 19.34
N ASN A 280 -2.55 4.07 18.46
CA ASN A 280 -2.11 4.28 17.07
C ASN A 280 -2.11 5.79 16.81
N PRO A 281 -1.30 6.54 17.57
CA PRO A 281 -1.21 8.00 17.42
C PRO A 281 -0.76 8.49 16.05
N ASN A 282 -0.01 7.67 15.32
CA ASN A 282 0.59 8.11 14.07
C ASN A 282 -0.31 7.86 12.86
N GLY A 283 -1.47 7.26 13.10
CA GLY A 283 -2.40 7.04 12.01
C GLY A 283 -1.87 6.03 11.01
N CYS A 284 -1.20 5.00 11.52
CA CYS A 284 -0.73 3.91 10.67
C CYS A 284 -1.88 3.01 10.25
N TRP A 285 -1.68 2.28 9.16
CA TRP A 285 -2.56 1.16 8.83
C TRP A 285 -2.31 0.03 9.80
N ASP A 286 -3.30 -0.83 9.99
CA ASP A 286 -3.21 -1.82 11.06
C ASP A 286 -2.41 -3.04 10.64
N TRP A 287 -1.14 -3.09 11.05
CA TRP A 287 -0.30 -4.26 10.84
C TRP A 287 0.12 -4.90 12.15
N VAL A 288 -0.50 -4.46 13.26
CA VAL A 288 -0.12 -4.99 14.57
C VAL A 288 -1.31 -5.59 15.31
N GLY A 289 -2.51 -5.38 14.77
CA GLY A 289 -3.71 -5.97 15.35
C GLY A 289 -4.50 -5.03 16.23
N TRP A 290 -4.33 -3.72 16.03
CA TRP A 290 -5.09 -2.74 16.81
C TRP A 290 -6.59 -3.02 16.77
N TYR A 291 -7.08 -3.39 15.59
CA TYR A 291 -8.53 -3.45 15.37
C TYR A 291 -9.02 -4.85 15.07
N GLY A 292 -8.28 -5.85 15.55
CA GLY A 292 -8.73 -7.23 15.40
C GLY A 292 -7.61 -8.24 15.32
N SER A 293 -7.90 -9.45 15.78
CA SER A 293 -6.96 -10.56 15.67
C SER A 293 -6.77 -10.94 14.21
N ASN A 294 -7.73 -10.55 13.39
CA ASN A 294 -7.77 -10.93 11.98
C ASN A 294 -7.28 -9.80 11.07
N ALA A 295 -6.49 -8.89 11.60
CA ALA A 295 -6.11 -7.68 10.88
C ALA A 295 -5.47 -7.97 9.52
N ASP A 296 -4.63 -9.00 9.46
CA ASP A 296 -4.00 -9.39 8.20
C ASP A 296 -4.63 -10.63 7.56
N GLN A 297 -5.83 -10.97 8.01
CA GLN A 297 -6.57 -12.10 7.45
C GLN A 297 -7.83 -11.61 6.75
N ILE A 298 -8.48 -12.50 5.99
CA ILE A 298 -9.75 -12.15 5.37
C ILE A 298 -10.73 -11.76 6.48
N GLY A 299 -11.38 -10.62 6.31
CA GLY A 299 -12.29 -10.14 7.34
C GLY A 299 -11.70 -9.02 8.18
N GLY A 300 -10.37 -8.92 8.24
CA GLY A 300 -9.76 -7.79 8.91
C GLY A 300 -10.50 -6.52 8.52
N VAL A 301 -10.85 -5.68 9.49
CA VAL A 301 -11.80 -4.61 9.21
C VAL A 301 -11.31 -3.56 8.24
N GLN A 302 -10.03 -3.22 8.30
CA GLN A 302 -9.48 -2.22 7.39
C GLN A 302 -9.32 -2.80 5.98
N MET A 303 -8.83 -4.03 5.90
CA MET A 303 -8.74 -4.70 4.61
C MET A 303 -10.11 -4.87 4.00
N ALA A 304 -11.09 -5.27 4.82
CA ALA A 304 -12.46 -5.44 4.34
C ALA A 304 -13.01 -4.14 3.76
N ALA A 305 -12.67 -3.02 4.40
CA ALA A 305 -13.13 -1.72 3.96
C ALA A 305 -12.50 -1.33 2.62
N ILE A 306 -11.19 -1.54 2.52
CA ILE A 306 -10.48 -1.23 1.30
C ILE A 306 -10.96 -2.12 0.15
N VAL A 307 -11.11 -3.41 0.42
CA VAL A 307 -11.68 -4.31 -0.57
C VAL A 307 -13.10 -3.90 -0.95
N GLY A 308 -13.85 -3.37 0.01
CA GLY A 308 -15.17 -2.85 -0.30
C GLY A 308 -15.13 -1.71 -1.29
N GLN A 309 -14.18 -0.80 -1.07
CA GLN A 309 -13.98 0.34 -1.95
C GLN A 309 -13.62 -0.15 -3.36
N VAL A 310 -12.72 -1.13 -3.42
CA VAL A 310 -12.30 -1.72 -4.68
C VAL A 310 -13.48 -2.34 -5.43
N LYS A 311 -14.28 -3.14 -4.72
CA LYS A 311 -15.44 -3.79 -5.33
C LYS A 311 -16.44 -2.78 -5.87
N GLN A 312 -16.63 -1.67 -5.15
CA GLN A 312 -17.52 -0.62 -5.63
C GLN A 312 -16.98 0.00 -6.92
N ILE A 313 -15.70 0.34 -6.91
CA ILE A 313 -15.09 0.97 -8.08
C ILE A 313 -15.20 0.08 -9.31
N VAL A 314 -14.89 -1.20 -9.17
CA VAL A 314 -14.91 -2.11 -10.31
C VAL A 314 -16.30 -2.62 -10.67
N SER A 315 -17.31 -2.26 -9.87
CA SER A 315 -18.67 -2.72 -10.13
C SER A 315 -19.25 -2.05 -11.37
N GLY A 316 -18.58 -1.00 -11.84
CA GLY A 316 -19.08 -0.27 -12.99
C GLY A 316 -18.52 -0.79 -14.31
N PHE A 317 -17.82 -1.92 -14.26
CA PHE A 317 -17.19 -2.49 -15.44
C PHE A 317 -18.19 -2.71 -16.57
N GLN A 318 -17.86 -2.24 -17.77
CA GLN A 318 -18.77 -2.30 -18.90
C GLN A 318 -18.52 -3.52 -19.79
C1 NAG B . 6.39 -16.02 -11.81
C2 NAG B . 5.56 -15.73 -13.06
C3 NAG B . 5.32 -17.05 -13.77
C4 NAG B . 6.66 -17.76 -14.07
C5 NAG B . 7.56 -17.82 -12.83
C6 NAG B . 8.97 -18.26 -13.16
C7 NAG B . 3.64 -14.37 -13.56
C8 NAG B . 2.50 -15.03 -14.34
N2 NAG B . 4.30 -15.13 -12.68
O3 NAG B . 4.62 -16.82 -14.98
O4 NAG B . 6.39 -19.10 -14.51
O5 NAG B . 7.67 -16.53 -12.19
O6 NAG B . 9.54 -17.44 -14.16
O7 NAG B . 3.93 -13.19 -13.77
C1 NAG B . 6.84 -19.45 -15.78
C2 NAG B . 6.78 -20.98 -15.91
C3 NAG B . 7.13 -21.39 -17.34
C4 NAG B . 6.21 -20.65 -18.33
C5 NAG B . 6.33 -19.14 -18.09
C6 NAG B . 5.40 -18.34 -18.99
C7 NAG B . 7.28 -22.08 -13.82
C8 NAG B . 7.71 -21.34 -12.56
N2 NAG B . 7.71 -21.60 -14.99
O3 NAG B . 6.94 -22.80 -17.48
O4 NAG B . 6.59 -20.98 -19.69
O5 NAG B . 5.97 -18.82 -16.74
O6 NAG B . 4.07 -18.40 -18.53
O7 NAG B . 6.55 -23.06 -13.74
C1 BMA B . 5.85 -21.98 -20.30
C2 BMA B . 5.82 -21.76 -21.81
C3 BMA B . 5.11 -22.94 -22.49
C4 BMA B . 5.76 -24.26 -22.09
C5 BMA B . 5.78 -24.36 -20.55
C6 BMA B . 6.44 -25.62 -20.04
O2 BMA B . 7.15 -21.64 -22.31
O3 BMA B . 5.16 -22.79 -23.92
O4 BMA B . 5.04 -25.35 -22.64
O5 BMA B . 6.48 -23.23 -19.99
O6 BMA B . 6.12 -25.77 -18.65
C1 MAN B . 3.92 -22.85 -24.56
C2 MAN B . 4.12 -22.99 -26.08
C3 MAN B . 4.66 -21.68 -26.68
C4 MAN B . 3.77 -20.50 -26.29
C5 MAN B . 3.60 -20.45 -24.77
C6 MAN B . 2.61 -19.39 -24.34
O2 MAN B . 2.90 -23.33 -26.70
O3 MAN B . 4.72 -21.79 -28.10
O4 MAN B . 4.34 -19.28 -26.75
O5 MAN B . 3.09 -21.72 -24.28
O6 MAN B . 1.32 -19.63 -24.87
C1 MAN B . 6.50 -27.03 -18.14
C2 MAN B . 5.35 -27.62 -17.31
C3 MAN B . 5.12 -26.76 -16.06
C4 MAN B . 6.42 -26.65 -15.26
C5 MAN B . 7.56 -26.12 -16.16
C6 MAN B . 8.90 -26.12 -15.46
O2 MAN B . 5.66 -28.95 -16.95
O3 MAN B . 4.10 -27.34 -15.26
O4 MAN B . 6.22 -25.77 -14.16
O5 MAN B . 7.69 -26.95 -17.33
O6 MAN B . 9.92 -25.65 -16.33
#